data_2N9A
#
_entry.id   2N9A
#
_entity_poly.entity_id   1
_entity_poly.type   'polypeptide(L)'
_entity_poly.pdbx_seq_one_letter_code
;SLLSLIRKLIT(NH2)
;
_entity_poly.pdbx_strand_id   A
#
# COMPACT_ATOMS: atom_id res chain seq x y z
N SER A 1 3.45 5.41 -8.58
CA SER A 1 2.37 6.37 -8.19
C SER A 1 1.53 5.83 -7.03
N LEU A 2 0.48 5.03 -7.25
CA LEU A 2 -0.42 4.58 -6.16
C LEU A 2 0.30 3.72 -5.09
N LEU A 3 1.22 2.86 -5.53
CA LEU A 3 2.09 2.03 -4.69
C LEU A 3 3.11 2.85 -3.86
N SER A 4 3.15 4.17 -3.98
CA SER A 4 4.04 5.05 -3.22
C SER A 4 3.37 5.63 -1.96
N LEU A 5 2.04 5.52 -1.84
CA LEU A 5 1.23 6.04 -0.73
C LEU A 5 0.59 4.90 0.06
N ILE A 6 -0.22 4.07 -0.62
CA ILE A 6 -0.99 2.97 -0.02
C ILE A 6 -0.04 1.95 0.67
N ARG A 7 1.23 1.89 0.24
CA ARG A 7 2.29 1.05 0.82
C ARG A 7 2.49 1.22 2.34
N LYS A 8 2.25 2.42 2.89
CA LYS A 8 2.35 2.71 4.33
C LYS A 8 1.14 2.21 5.14
N LEU A 9 0.00 1.97 4.49
CA LEU A 9 -1.22 1.42 5.10
C LEU A 9 -1.28 -0.13 5.02
N ILE A 10 -0.25 -0.76 4.44
CA ILE A 10 -0.08 -2.23 4.35
C ILE A 10 1.24 -2.75 4.95
N THR A 11 2.30 -1.95 5.07
CA THR A 11 3.55 -2.35 5.77
C THR A 11 4.13 -1.20 6.61
N SER A 1 3.42 5.67 -9.01
CA SER A 1 2.62 6.80 -8.51
C SER A 1 1.83 6.42 -7.25
N LEU A 2 0.66 5.78 -7.38
CA LEU A 2 -0.30 5.54 -6.29
C LEU A 2 0.19 4.43 -5.31
N LEU A 3 0.89 3.41 -5.84
CA LEU A 3 1.47 2.31 -5.06
C LEU A 3 2.41 2.78 -3.93
N SER A 4 3.09 3.91 -4.14
CA SER A 4 4.01 4.53 -3.16
C SER A 4 3.30 5.08 -1.91
N LEU A 5 1.99 5.32 -1.96
CA LEU A 5 1.18 5.78 -0.83
C LEU A 5 0.64 4.60 -0.02
N ILE A 6 0.16 3.54 -0.70
CA ILE A 6 -0.42 2.33 -0.09
C ILE A 6 0.60 1.60 0.81
N ARG A 7 1.90 1.70 0.50
CA ARG A 7 3.04 1.25 1.32
C ARG A 7 2.92 1.63 2.81
N LYS A 8 2.43 2.83 3.12
CA LYS A 8 2.28 3.34 4.50
C LYS A 8 1.02 2.82 5.23
N LEU A 9 0.11 2.15 4.51
CA LEU A 9 -1.09 1.52 5.07
C LEU A 9 -0.90 0.00 5.24
N ILE A 10 -0.12 -0.64 4.35
CA ILE A 10 0.13 -2.10 4.37
C ILE A 10 1.38 -2.51 5.16
N THR A 11 2.41 -1.65 5.21
CA THR A 11 3.61 -1.73 6.07
C THR A 11 4.25 -3.12 6.19
N SER A 1 3.51 5.86 -8.96
CA SER A 1 2.44 6.65 -8.34
C SER A 1 1.78 5.89 -7.18
N LEU A 2 0.64 5.21 -7.37
CA LEU A 2 -0.21 4.65 -6.30
C LEU A 2 0.52 3.73 -5.31
N LEU A 3 1.45 2.90 -5.80
CA LEU A 3 2.25 1.97 -4.98
C LEU A 3 3.26 2.67 -4.05
N SER A 4 3.46 3.98 -4.15
CA SER A 4 4.33 4.75 -3.22
C SER A 4 3.55 5.30 -2.00
N LEU A 5 2.22 5.39 -2.12
CA LEU A 5 1.33 5.90 -1.06
C LEU A 5 0.75 4.75 -0.21
N ILE A 6 0.08 3.80 -0.88
CA ILE A 6 -0.68 2.72 -0.22
C ILE A 6 0.25 1.72 0.51
N ARG A 7 1.55 1.66 0.15
CA ARG A 7 2.60 0.81 0.77
C ARG A 7 2.86 1.10 2.26
N LYS A 8 2.45 2.28 2.76
CA LYS A 8 2.49 2.67 4.18
C LYS A 8 1.19 2.33 4.94
N LEU A 9 0.11 1.95 4.25
CA LEU A 9 -1.22 1.60 4.80
C LEU A 9 -1.53 0.08 4.74
N ILE A 10 -0.52 -0.71 4.37
CA ILE A 10 -0.52 -2.19 4.34
C ILE A 10 0.53 -2.77 5.29
N THR A 11 1.81 -2.48 5.02
CA THR A 11 3.03 -3.02 5.66
C THR A 11 3.14 -4.56 5.77
N SER A 1 3.51 5.78 -8.57
CA SER A 1 2.28 6.53 -8.23
C SER A 1 1.51 5.89 -7.07
N LEU A 2 0.45 5.09 -7.30
CA LEU A 2 -0.43 4.59 -6.21
C LEU A 2 0.31 3.72 -5.17
N LEU A 3 1.26 2.89 -5.63
CA LEU A 3 2.09 2.03 -4.78
C LEU A 3 3.10 2.81 -3.92
N SER A 4 3.20 4.13 -4.07
CA SER A 4 4.11 4.99 -3.29
C SER A 4 3.45 5.54 -2.00
N LEU A 5 2.12 5.49 -1.90
CA LEU A 5 1.34 5.94 -0.74
C LEU A 5 0.78 4.75 0.04
N ILE A 6 0.01 3.88 -0.63
CA ILE A 6 -0.73 2.76 -0.01
C ILE A 6 0.23 1.74 0.65
N ARG A 7 1.52 1.70 0.24
CA ARG A 7 2.60 0.88 0.84
C ARG A 7 2.86 1.13 2.34
N LYS A 8 2.42 2.28 2.88
CA LYS A 8 2.43 2.61 4.32
C LYS A 8 1.16 2.18 5.07
N LEU A 9 0.07 1.83 4.38
CA LEU A 9 -1.21 1.36 4.95
C LEU A 9 -1.41 -0.19 4.84
N ILE A 10 -0.42 -0.87 4.25
CA ILE A 10 -0.28 -2.34 4.28
C ILE A 10 0.86 -2.75 5.23
N THR A 11 2.12 -2.52 4.83
CA THR A 11 3.36 -3.04 5.45
C THR A 11 3.43 -4.58 5.54
N SER A 1 3.40 5.43 -9.05
CA SER A 1 2.36 6.35 -8.52
C SER A 1 1.68 5.77 -7.28
N LEU A 2 0.55 5.04 -7.40
CA LEU A 2 -0.29 4.65 -6.25
C LEU A 2 0.42 3.78 -5.19
N LEU A 3 1.36 2.93 -5.63
CA LEU A 3 2.16 2.04 -4.75
C LEU A 3 3.14 2.78 -3.82
N SER A 4 3.24 4.12 -3.89
CA SER A 4 4.09 4.92 -3.00
C SER A 4 3.34 5.51 -1.80
N LEU A 5 2.01 5.44 -1.80
CA LEU A 5 1.13 5.96 -0.74
C LEU A 5 0.51 4.81 0.05
N ILE A 6 -0.17 3.89 -0.65
CA ILE A 6 -0.89 2.75 -0.05
C ILE A 6 0.10 1.78 0.65
N ARG A 7 1.40 1.81 0.30
CA ARG A 7 2.47 0.99 0.92
C ARG A 7 2.71 1.28 2.41
N LYS A 8 2.39 2.49 2.89
CA LYS A 8 2.46 2.86 4.32
C LYS A 8 1.24 2.37 5.12
N LEU A 9 0.10 2.13 4.46
CA LEU A 9 -1.14 1.61 5.05
C LEU A 9 -1.20 0.06 5.09
N ILE A 10 -0.16 -0.60 4.58
CA ILE A 10 -0.01 -2.08 4.58
C ILE A 10 1.27 -2.58 5.27
N THR A 11 2.40 -1.86 5.24
CA THR A 11 3.60 -2.23 6.05
C THR A 11 4.33 -1.02 6.63
N SER A 1 1.15 8.55 -8.87
CA SER A 1 1.55 7.33 -8.14
C SER A 1 0.39 6.85 -7.27
N LEU A 2 0.33 5.54 -6.98
CA LEU A 2 -0.69 4.91 -6.11
C LEU A 2 -0.07 3.85 -5.19
N LEU A 3 0.76 2.96 -5.74
CA LEU A 3 1.44 1.89 -5.00
C LEU A 3 2.31 2.44 -3.84
N SER A 4 3.08 3.50 -4.10
CA SER A 4 3.94 4.19 -3.12
C SER A 4 3.20 5.00 -2.05
N LEU A 5 1.86 4.98 -2.05
CA LEU A 5 1.00 5.65 -1.06
C LEU A 5 0.33 4.64 -0.14
N ILE A 6 -0.25 3.57 -0.71
CA ILE A 6 -0.87 2.47 0.05
C ILE A 6 0.21 1.75 0.90
N ARG A 7 1.50 1.83 0.52
CA ARG A 7 2.70 1.38 1.26
C ARG A 7 2.82 1.80 2.74
N LYS A 8 2.27 2.95 3.14
CA LYS A 8 2.21 3.38 4.55
C LYS A 8 0.96 2.90 5.32
N LEU A 9 0.00 2.30 4.62
CA LEU A 9 -1.25 1.77 5.18
C LEU A 9 -1.22 0.24 5.36
N ILE A 10 -0.26 -0.43 4.71
CA ILE A 10 -0.03 -1.89 4.80
C ILE A 10 1.10 -2.29 5.75
N THR A 11 2.24 -1.60 5.75
CA THR A 11 3.37 -1.89 6.66
C THR A 11 3.42 -0.87 7.81
N SER A 1 0.56 3.65 -11.18
CA SER A 1 0.34 4.79 -10.27
C SER A 1 -0.25 4.30 -8.95
N LEU A 2 -0.22 5.13 -7.89
CA LEU A 2 -0.70 4.78 -6.54
C LEU A 2 -0.06 3.50 -5.97
N LEU A 3 1.24 3.58 -5.64
CA LEU A 3 2.02 2.48 -5.05
C LEU A 3 2.73 2.95 -3.77
N SER A 4 3.58 3.98 -3.89
CA SER A 4 4.39 4.60 -2.83
C SER A 4 3.61 5.33 -1.72
N LEU A 5 2.29 5.20 -1.70
CA LEU A 5 1.37 5.79 -0.73
C LEU A 5 0.71 4.69 0.12
N ILE A 6 0.16 3.67 -0.55
CA ILE A 6 -0.45 2.48 0.07
C ILE A 6 0.62 1.68 0.88
N ARG A 7 1.91 1.84 0.56
CA ARG A 7 3.11 1.39 1.30
C ARG A 7 3.17 1.77 2.80
N LYS A 8 2.40 2.78 3.24
CA LYS A 8 2.20 3.15 4.67
C LYS A 8 0.89 2.63 5.28
N LEU A 9 -0.05 2.13 4.47
CA LEU A 9 -1.33 1.56 4.92
C LEU A 9 -1.32 0.02 4.98
N ILE A 10 -0.32 -0.62 4.36
CA ILE A 10 -0.06 -2.07 4.47
C ILE A 10 0.93 -2.40 5.60
N THR A 11 2.22 -2.09 5.39
CA THR A 11 3.37 -2.45 6.25
C THR A 11 3.58 -3.96 6.47
N SER A 1 1.55 8.72 -8.66
CA SER A 1 1.84 7.34 -8.23
C SER A 1 0.73 6.78 -7.39
N LEU A 2 0.74 5.47 -7.16
CA LEU A 2 -0.30 4.77 -6.41
C LEU A 2 0.31 3.83 -5.36
N LEU A 3 1.24 2.95 -5.78
CA LEU A 3 2.00 2.04 -4.92
C LEU A 3 3.04 2.74 -4.03
N SER A 4 3.12 4.08 -4.05
CA SER A 4 4.00 4.87 -3.17
C SER A 4 3.26 5.41 -1.92
N LEU A 5 1.92 5.35 -1.93
CA LEU A 5 1.06 5.87 -0.87
C LEU A 5 0.46 4.72 -0.04
N ILE A 6 -0.24 3.80 -0.72
CA ILE A 6 -0.95 2.68 -0.08
C ILE A 6 0.05 1.69 0.59
N ARG A 7 1.34 1.70 0.19
CA ARG A 7 2.44 0.87 0.72
C ARG A 7 2.80 1.10 2.20
N LYS A 8 2.51 2.29 2.73
CA LYS A 8 2.68 2.65 4.16
C LYS A 8 1.47 2.24 5.01
N LEU A 9 0.31 2.06 4.39
CA LEU A 9 -0.94 1.66 5.04
C LEU A 9 -1.08 0.14 5.15
N ILE A 10 -0.43 -0.63 4.27
CA ILE A 10 -0.31 -2.10 4.37
C ILE A 10 0.84 -2.53 5.29
N THR A 11 2.09 -2.39 4.84
CA THR A 11 3.32 -2.93 5.46
C THR A 11 3.35 -4.47 5.63
N SER A 1 1.94 8.96 -8.34
CA SER A 1 2.15 7.55 -7.98
C SER A 1 0.94 6.98 -7.30
N LEU A 2 0.92 5.66 -7.10
CA LEU A 2 -0.16 4.96 -6.40
C LEU A 2 0.39 3.93 -5.39
N LEU A 3 1.29 3.04 -5.86
CA LEU A 3 1.95 2.04 -5.02
C LEU A 3 2.81 2.68 -3.90
N SER A 4 3.22 3.94 -4.04
CA SER A 4 4.06 4.67 -3.09
C SER A 4 3.28 5.29 -1.91
N LEU A 5 1.94 5.18 -1.94
CA LEU A 5 1.01 5.74 -0.97
C LEU A 5 0.38 4.61 -0.15
N ILE A 6 -0.25 3.65 -0.84
CA ILE A 6 -0.94 2.50 -0.23
C ILE A 6 0.06 1.56 0.50
N ARG A 7 1.36 1.57 0.14
CA ARG A 7 2.41 0.74 0.78
C ARG A 7 2.77 1.13 2.22
N LYS A 8 2.50 2.38 2.64
CA LYS A 8 2.64 2.85 4.03
C LYS A 8 1.48 2.42 4.92
N LEU A 9 0.34 2.07 4.31
CA LEU A 9 -0.88 1.64 4.98
C LEU A 9 -0.89 0.12 5.23
N ILE A 10 -0.28 -0.68 4.35
CA ILE A 10 -0.10 -2.13 4.55
C ILE A 10 1.12 -2.48 5.42
N THR A 11 2.33 -2.14 4.98
CA THR A 11 3.63 -2.54 5.57
C THR A 11 3.86 -4.06 5.69
N SER A 1 2.35 8.10 -8.82
CA SER A 1 2.24 6.64 -8.60
C SER A 1 1.28 6.38 -7.45
N LEU A 2 0.51 5.30 -7.48
CA LEU A 2 -0.40 4.90 -6.39
C LEU A 2 0.25 3.89 -5.44
N LEU A 3 1.06 2.96 -5.97
CA LEU A 3 1.73 1.91 -5.17
C LEU A 3 2.69 2.49 -4.12
N SER A 4 3.27 3.68 -4.39
CA SER A 4 4.15 4.41 -3.47
C SER A 4 3.39 5.12 -2.32
N LEU A 5 2.06 4.96 -2.25
CA LEU A 5 1.18 5.60 -1.27
C LEU A 5 0.46 4.54 -0.42
N ILE A 6 -0.13 3.51 -1.03
CA ILE A 6 -0.82 2.42 -0.31
C ILE A 6 0.18 1.59 0.54
N ARG A 7 1.49 1.64 0.24
CA ARG A 7 2.58 0.91 0.93
C ARG A 7 2.77 1.28 2.42
N LYS A 8 2.47 2.53 2.80
CA LYS A 8 2.49 3.01 4.20
C LYS A 8 1.23 2.61 4.99
N LEU A 9 0.13 2.29 4.30
CA LEU A 9 -1.13 1.81 4.88
C LEU A 9 -1.20 0.28 5.03
N ILE A 10 -0.18 -0.45 4.55
CA ILE A 10 -0.02 -1.91 4.68
C ILE A 10 1.25 -2.33 5.44
N THR A 11 2.31 -1.52 5.48
CA THR A 11 3.55 -1.78 6.25
C THR A 11 4.03 -0.54 6.99
N SER A 1 1.37 8.07 -8.97
CA SER A 1 1.56 6.67 -8.52
C SER A 1 0.59 6.33 -7.41
N LEU A 2 0.34 5.03 -7.17
CA LEU A 2 -0.56 4.53 -6.11
C LEU A 2 0.19 3.64 -5.10
N LEU A 3 1.08 2.77 -5.59
CA LEU A 3 1.87 1.85 -4.76
C LEU A 3 2.85 2.59 -3.82
N SER A 4 3.15 3.87 -4.08
CA SER A 4 4.02 4.71 -3.25
C SER A 4 3.32 5.36 -2.04
N LEU A 5 1.99 5.25 -1.95
CA LEU A 5 1.17 5.80 -0.86
C LEU A 5 0.58 4.68 -0.01
N ILE A 6 -0.16 3.78 -0.66
CA ILE A 6 -0.89 2.68 -0.01
C ILE A 6 0.10 1.71 0.71
N ARG A 7 1.38 1.66 0.31
CA ARG A 7 2.46 0.86 0.94
C ARG A 7 2.74 1.19 2.41
N LYS A 8 2.40 2.42 2.86
CA LYS A 8 2.47 2.84 4.27
C LYS A 8 1.27 2.34 5.10
N LEU A 9 0.11 2.13 4.49
CA LEU A 9 -1.10 1.60 5.14
C LEU A 9 -1.14 0.05 5.18
N ILE A 10 -0.12 -0.62 4.62
CA ILE A 10 0.04 -2.09 4.65
C ILE A 10 1.33 -2.57 5.33
N THR A 11 2.44 -1.80 5.29
CA THR A 11 3.69 -2.17 6.01
C THR A 11 4.43 -0.95 6.57
N SER A 1 1.11 8.43 -8.07
CA SER A 1 1.38 6.99 -7.83
C SER A 1 0.32 6.39 -6.93
N LEU A 2 0.20 5.05 -6.94
CA LEU A 2 -0.71 4.29 -6.07
C LEU A 2 0.10 3.38 -5.12
N LEU A 3 1.01 2.57 -5.68
CA LEU A 3 1.96 1.68 -4.97
C LEU A 3 3.05 2.41 -4.16
N SER A 4 2.99 3.75 -4.10
CA SER A 4 3.92 4.62 -3.38
C SER A 4 3.25 5.40 -2.24
N LEU A 5 1.92 5.25 -2.10
CA LEU A 5 1.09 5.86 -1.05
C LEU A 5 0.42 4.75 -0.23
N ILE A 6 -0.29 3.84 -0.91
CA ILE A 6 -1.02 2.73 -0.29
C ILE A 6 -0.03 1.74 0.39
N ARG A 7 1.26 1.75 0.01
CA ARG A 7 2.37 0.93 0.58
C ARG A 7 2.71 1.24 2.04
N LYS A 8 2.56 2.51 2.46
CA LYS A 8 2.81 2.99 3.83
C LYS A 8 1.63 2.72 4.76
N LEU A 9 0.48 2.35 4.19
CA LEU A 9 -0.75 1.95 4.88
C LEU A 9 -0.89 0.43 5.02
N ILE A 10 -0.11 -0.37 4.28
CA ILE A 10 -0.05 -1.84 4.36
C ILE A 10 1.22 -2.37 5.06
N THR A 11 2.31 -1.58 5.13
CA THR A 11 3.54 -1.94 5.85
C THR A 11 4.16 -0.75 6.59
N SER A 1 0.07 2.00 -11.02
CA SER A 1 0.05 3.35 -10.42
C SER A 1 -0.27 3.27 -8.93
N LEU A 2 0.06 4.33 -8.16
CA LEU A 2 -0.18 4.45 -6.71
C LEU A 2 0.50 3.39 -5.81
N LEU A 3 1.84 3.35 -5.85
CA LEU A 3 2.63 2.43 -5.02
C LEU A 3 3.40 3.11 -3.88
N SER A 4 3.81 4.38 -4.01
CA SER A 4 4.55 5.09 -2.95
C SER A 4 3.66 5.60 -1.79
N LEU A 5 2.33 5.45 -1.92
CA LEU A 5 1.34 5.92 -0.95
C LEU A 5 0.73 4.75 -0.16
N ILE A 6 0.12 3.80 -0.87
CA ILE A 6 -0.62 2.65 -0.29
C ILE A 6 0.34 1.71 0.49
N ARG A 7 1.65 1.69 0.17
CA ARG A 7 2.69 0.89 0.85
C ARG A 7 2.88 1.18 2.35
N LYS A 8 2.43 2.35 2.85
CA LYS A 8 2.42 2.72 4.27
C LYS A 8 1.13 2.32 5.01
N LEU A 9 0.07 1.94 4.29
CA LEU A 9 -1.24 1.54 4.84
C LEU A 9 -1.41 0.01 4.92
N ILE A 10 -0.63 -0.74 4.12
CA ILE A 10 -0.61 -2.22 4.08
C ILE A 10 0.41 -2.87 5.04
N THR A 11 1.35 -2.09 5.61
CA THR A 11 2.50 -2.63 6.34
C THR A 11 2.19 -2.83 7.84
N SER A 1 3.45 5.00 -9.05
CA SER A 1 2.70 6.17 -8.55
C SER A 1 1.87 5.82 -7.32
N LEU A 2 0.65 5.26 -7.43
CA LEU A 2 -0.24 5.05 -6.28
C LEU A 2 0.33 4.12 -5.20
N LEU A 3 1.10 3.09 -5.57
CA LEU A 3 1.66 2.10 -4.64
C LEU A 3 2.56 2.74 -3.57
N SER A 4 3.25 3.85 -3.89
CA SER A 4 4.15 4.61 -3.01
C SER A 4 3.44 5.25 -1.80
N LEU A 5 2.09 5.30 -1.84
CA LEU A 5 1.23 5.78 -0.77
C LEU A 5 0.67 4.59 0.02
N ILE A 6 -0.04 3.66 -0.66
CA ILE A 6 -0.73 2.53 0.00
C ILE A 6 0.26 1.60 0.73
N ARG A 7 1.54 1.56 0.34
CA ARG A 7 2.61 0.79 1.02
C ARG A 7 2.81 1.14 2.51
N LYS A 8 2.38 2.34 2.95
CA LYS A 8 2.37 2.79 4.35
C LYS A 8 1.17 2.25 5.15
N LEU A 9 0.02 1.98 4.50
CA LEU A 9 -1.18 1.42 5.15
C LEU A 9 -1.16 -0.12 5.23
N ILE A 10 -0.15 -0.76 4.63
CA ILE A 10 0.09 -2.22 4.69
C ILE A 10 1.39 -2.61 5.42
N THR A 11 2.46 -1.81 5.40
CA THR A 11 3.70 -2.11 6.15
C THR A 11 4.38 -0.86 6.74
N SER A 1 1.27 8.44 -8.39
CA SER A 1 1.62 7.06 -7.98
C SER A 1 0.57 6.49 -7.04
N LEU A 2 0.52 5.16 -6.92
CA LEU A 2 -0.42 4.43 -6.06
C LEU A 2 0.33 3.47 -5.12
N LEU A 3 1.25 2.67 -5.67
CA LEU A 3 2.10 1.74 -4.91
C LEU A 3 3.07 2.45 -3.96
N SER A 4 3.25 3.77 -4.07
CA SER A 4 4.11 4.61 -3.20
C SER A 4 3.34 5.30 -2.06
N LEU A 5 2.00 5.13 -2.03
CA LEU A 5 1.08 5.76 -1.08
C LEU A 5 0.38 4.69 -0.24
N ILE A 6 -0.25 3.72 -0.90
CA ILE A 6 -0.97 2.60 -0.27
C ILE A 6 0.02 1.68 0.52
N ARG A 7 1.32 1.68 0.17
CA ARG A 7 2.38 0.89 0.87
C ARG A 7 2.61 1.29 2.33
N LYS A 8 2.42 2.58 2.67
CA LYS A 8 2.52 3.12 4.04
C LYS A 8 1.29 2.82 4.90
N LEU A 9 0.20 2.36 4.28
CA LEU A 9 -1.03 1.95 4.96
C LEU A 9 -1.09 0.43 5.19
N ILE A 10 -0.26 -0.38 4.49
CA ILE A 10 -0.20 -1.85 4.61
C ILE A 10 1.04 -2.38 5.36
N THR A 11 2.18 -1.67 5.38
CA THR A 11 3.36 -2.03 6.20
C THR A 11 3.91 -0.83 6.96
N SER A 1 3.94 5.80 -8.62
CA SER A 1 2.97 6.82 -8.19
C SER A 1 2.03 6.27 -7.13
N LEU A 2 0.92 5.58 -7.48
CA LEU A 2 -0.16 5.27 -6.52
C LEU A 2 0.22 4.20 -5.48
N LEU A 3 0.97 3.17 -5.88
CA LEU A 3 1.45 2.07 -5.00
C LEU A 3 2.25 2.61 -3.80
N SER A 4 3.06 3.66 -4.02
CA SER A 4 3.93 4.29 -3.03
C SER A 4 3.18 5.03 -1.90
N LEU A 5 1.87 5.21 -2.03
CA LEU A 5 1.01 5.81 -1.00
C LEU A 5 0.37 4.73 -0.12
N ILE A 6 -0.18 3.67 -0.73
CA ILE A 6 -0.81 2.54 -0.02
C ILE A 6 0.23 1.82 0.86
N ARG A 7 1.53 1.90 0.54
CA ARG A 7 2.68 1.43 1.35
C ARG A 7 2.65 1.81 2.84
N LYS A 8 2.20 3.03 3.20
CA LYS A 8 2.03 3.48 4.59
C LYS A 8 0.76 2.95 5.28
N LEU A 9 -0.16 2.35 4.51
CA LEU A 9 -1.42 1.74 4.95
C LEU A 9 -1.36 0.19 4.95
N ILE A 10 -0.19 -0.40 4.65
CA ILE A 10 0.08 -1.84 4.75
C ILE A 10 1.30 -2.20 5.63
N THR A 11 2.43 -1.50 5.54
CA THR A 11 3.64 -1.83 6.33
C THR A 11 4.65 -0.67 6.34
N SER A 1 -4.80 -6.87 -7.17
CA SER A 1 -5.70 -5.85 -6.59
C SER A 1 -6.47 -6.41 -5.38
N LEU A 2 -7.50 -7.25 -5.57
CA LEU A 2 -8.32 -7.76 -4.45
C LEU A 2 -7.58 -8.77 -3.54
N LEU A 3 -6.72 -9.61 -4.12
CA LEU A 3 -5.92 -10.62 -3.42
C LEU A 3 -4.93 -10.05 -2.40
N SER A 4 -4.68 -8.74 -2.42
CA SER A 4 -3.72 -8.04 -1.54
C SER A 4 -4.41 -7.31 -0.38
N LEU A 5 -5.72 -7.50 -0.23
CA LEU A 5 -6.59 -6.86 0.77
C LEU A 5 -7.25 -7.91 1.65
N ILE A 6 -7.82 -8.95 1.04
CA ILE A 6 -8.46 -10.09 1.73
C ILE A 6 -7.43 -10.85 2.60
N ARG A 7 -6.13 -10.76 2.27
CA ARG A 7 -4.94 -11.26 3.02
C ARG A 7 -4.90 -10.93 4.52
N LYS A 8 -5.41 -9.76 4.94
CA LYS A 8 -5.52 -9.38 6.35
C LYS A 8 -6.80 -9.88 7.03
N LEU A 9 -7.79 -10.33 6.26
CA LEU A 9 -9.06 -10.91 6.75
C LEU A 9 -9.01 -12.45 6.84
N ILE A 10 -7.97 -13.08 6.28
CA ILE A 10 -7.69 -14.53 6.40
C ILE A 10 -6.52 -14.86 7.34
N THR A 11 -5.60 -13.92 7.62
CA THR A 11 -4.49 -14.12 8.57
C THR A 11 -4.20 -12.85 9.35
N SER A 1 -5.06 -4.02 -6.93
CA SER A 1 -4.76 -5.43 -6.66
C SER A 1 -5.82 -6.06 -5.77
N LEU A 2 -5.93 -7.39 -5.80
CA LEU A 2 -6.90 -8.17 -5.01
C LEU A 2 -6.18 -9.28 -4.21
N LEU A 3 -5.32 -10.06 -4.88
CA LEU A 3 -4.46 -11.07 -4.27
C LEU A 3 -3.47 -10.47 -3.25
N SER A 4 -3.20 -9.16 -3.32
CA SER A 4 -2.30 -8.42 -2.40
C SER A 4 -3.06 -7.59 -1.35
N LEU A 5 -4.38 -7.82 -1.22
CA LEU A 5 -5.30 -7.11 -0.32
C LEU A 5 -6.09 -8.11 0.52
N ILE A 6 -6.77 -9.06 -0.14
CA ILE A 6 -7.48 -10.18 0.48
C ILE A 6 -6.49 -11.08 1.24
N ARG A 7 -5.21 -11.16 0.81
CA ARG A 7 -4.17 -11.90 1.55
C ARG A 7 -3.85 -11.32 2.93
N LYS A 8 -3.98 -10.00 3.14
CA LYS A 8 -3.77 -9.33 4.43
C LYS A 8 -4.95 -9.54 5.40
N LEU A 9 -6.02 -10.18 4.94
CA LEU A 9 -7.22 -10.53 5.70
C LEU A 9 -7.31 -12.03 6.03
N ILE A 10 -6.69 -12.91 5.23
CA ILE A 10 -6.65 -14.37 5.49
C ILE A 10 -5.42 -14.82 6.29
N THR A 11 -4.22 -14.27 6.02
CA THR A 11 -2.98 -14.60 6.75
C THR A 11 -2.37 -13.39 7.44
N SER A 1 -3.25 -3.29 -5.57
CA SER A 1 -3.40 -4.73 -5.86
C SER A 1 -4.47 -5.33 -4.94
N LEU A 2 -4.96 -6.53 -5.24
CA LEU A 2 -6.01 -7.19 -4.46
C LEU A 2 -5.51 -8.43 -3.71
N LEU A 3 -4.63 -9.22 -4.35
CA LEU A 3 -3.98 -10.36 -3.70
C LEU A 3 -3.16 -9.88 -2.47
N SER A 4 -2.43 -8.76 -2.62
CA SER A 4 -1.71 -8.07 -1.52
C SER A 4 -2.61 -7.16 -0.64
N LEU A 5 -3.92 -7.44 -0.63
CA LEU A 5 -4.92 -6.80 0.23
C LEU A 5 -5.65 -7.88 1.05
N ILE A 6 -6.19 -8.89 0.35
CA ILE A 6 -6.86 -10.04 0.96
C ILE A 6 -5.85 -10.87 1.80
N ARG A 7 -4.56 -10.98 1.41
CA ARG A 7 -3.52 -11.69 2.20
C ARG A 7 -3.22 -11.04 3.56
N LYS A 8 -3.41 -9.72 3.69
CA LYS A 8 -3.27 -8.95 4.94
C LYS A 8 -4.48 -9.10 5.88
N LEU A 9 -5.58 -9.65 5.38
CA LEU A 9 -6.76 -10.00 6.16
C LEU A 9 -6.74 -11.47 6.62
N ILE A 10 -6.19 -12.40 5.83
CA ILE A 10 -6.11 -13.84 6.20
C ILE A 10 -4.89 -14.24 7.04
N THR A 11 -3.70 -13.67 6.80
CA THR A 11 -2.47 -14.00 7.56
C THR A 11 -1.83 -12.74 8.17
N SER A 1 -6.36 -9.94 -8.85
CA SER A 1 -6.12 -8.55 -8.42
C SER A 1 -6.29 -8.36 -6.91
N LEU A 2 -7.48 -8.59 -6.35
CA LEU A 2 -7.71 -8.46 -4.90
C LEU A 2 -7.08 -9.63 -4.11
N LEU A 3 -5.77 -9.58 -3.89
CA LEU A 3 -5.02 -10.55 -3.05
C LEU A 3 -4.21 -9.85 -1.95
N SER A 4 -3.88 -8.56 -2.08
CA SER A 4 -3.11 -7.78 -1.09
C SER A 4 -3.93 -7.26 0.10
N LEU A 5 -5.26 -7.43 0.06
CA LEU A 5 -6.21 -6.93 1.07
C LEU A 5 -6.85 -8.09 1.84
N ILE A 6 -7.52 -8.99 1.11
CA ILE A 6 -8.25 -10.14 1.66
C ILE A 6 -7.29 -11.12 2.40
N ARG A 7 -5.96 -11.05 2.15
CA ARG A 7 -4.90 -11.86 2.81
C ARG A 7 -4.76 -11.64 4.32
N LYS A 8 -5.06 -10.44 4.83
CA LYS A 8 -5.03 -10.09 6.27
C LYS A 8 -6.30 -10.56 7.00
N LEU A 9 -7.39 -10.78 6.27
CA LEU A 9 -8.66 -11.30 6.78
C LEU A 9 -8.65 -12.85 6.85
N ILE A 10 -7.74 -13.52 6.15
CA ILE A 10 -7.56 -14.98 6.15
C ILE A 10 -6.30 -15.49 6.88
N THR A 11 -5.21 -14.71 6.98
CA THR A 11 -4.00 -15.10 7.76
C THR A 11 -3.48 -13.94 8.62
#